data_3K6R
#
_entry.id   3K6R
#
_cell.length_a   51.308
_cell.length_b   54.231
_cell.length_c   58.613
_cell.angle_alpha   90.00
_cell.angle_beta   100.02
_cell.angle_gamma   90.00
#
_symmetry.space_group_name_H-M   'P 1 21 1'
#
loop_
_entity.id
_entity.type
_entity.pdbx_description
1 polymer 'putative transferase PH0793'
2 water water
#
_entity_poly.entity_id   1
_entity_poly.type   'polypeptide(L)'
_entity_poly.pdbx_seq_one_letter_code
;(MSE)RTQGIKPRIREILSKELPEELVKLLPKRWVRIGDVLLLPLRPELEPYKHRIAEVYAEVLGVKTVLRKGHIHGETR
KPDYELLYGSDTVTVHVENGIKYKLDVAKI(MSE)FSPANVKERVR(MSE)AKVAKPDELVVD(MSE)FAGIGHLSLPIA
VYGKAKVIAIEKDPYTFKFLVENIHLNKVEDR(MSE)SAYN(MSE)DNRDFPGENIADRIL(MSE)GYVVRTHEFIPKAL
SIAKDGAIIHYHNTVPEKL(MSE)PREPFETFKRITKEYGYDVEKLNELKIKRYAPGVWHVVLDLRVFKS
;
_entity_poly.pdbx_strand_id   A
#
# COMPACT_ATOMS: atom_id res chain seq x y z
N ILE A 6 12.14 25.23 -0.04
CA ILE A 6 10.88 26.04 -0.12
C ILE A 6 10.13 26.18 1.22
N LYS A 7 10.68 25.57 2.28
CA LYS A 7 10.15 25.71 3.65
C LYS A 7 10.17 27.15 4.19
N PRO A 8 11.24 27.93 3.88
CA PRO A 8 11.22 29.35 4.27
C PRO A 8 10.13 30.15 3.53
N ARG A 9 9.99 29.90 2.22
CA ARG A 9 9.07 30.63 1.35
C ARG A 9 7.61 30.57 1.79
N ILE A 10 7.23 29.45 2.41
CA ILE A 10 5.91 29.27 3.00
C ILE A 10 5.74 30.15 4.25
N ARG A 11 6.70 30.06 5.17
CA ARG A 11 6.67 30.84 6.41
C ARG A 11 6.66 32.34 6.12
N GLU A 12 7.47 32.77 5.15
CA GLU A 12 7.52 34.16 4.68
C GLU A 12 6.14 34.71 4.25
N ILE A 13 5.39 33.92 3.47
CA ILE A 13 4.03 34.30 3.05
C ILE A 13 3.02 34.33 4.22
N LEU A 14 3.10 33.35 5.13
CA LEU A 14 2.15 33.22 6.24
C LEU A 14 2.44 34.05 7.49
N SER A 15 3.66 34.57 7.62
CA SER A 15 4.01 35.43 8.75
C SER A 15 3.47 36.88 8.56
N LYS A 16 2.66 37.07 7.52
CA LYS A 16 2.06 38.37 7.23
C LYS A 16 0.54 38.35 7.39
N GLU A 17 0.01 37.21 7.85
CA GLU A 17 -1.42 37.04 8.14
C GLU A 17 -1.69 36.13 9.35
N LEU A 18 -0.74 35.24 9.63
CA LEU A 18 -0.80 34.39 10.82
C LEU A 18 -0.39 35.15 12.08
N PRO A 19 -1.02 34.81 13.22
CA PRO A 19 -0.38 35.07 14.50
C PRO A 19 1.08 34.62 14.44
N GLU A 20 1.95 35.42 15.01
CA GLU A 20 3.39 35.23 14.90
C GLU A 20 3.87 33.98 15.66
N GLU A 21 3.17 33.64 16.74
CA GLU A 21 3.51 32.49 17.59
C GLU A 21 3.14 31.13 16.95
N LEU A 22 2.21 31.17 16.00
CA LEU A 22 1.75 29.97 15.28
C LEU A 22 2.61 29.63 14.06
N VAL A 23 3.45 30.58 13.61
CA VAL A 23 4.33 30.41 12.43
C VAL A 23 5.34 29.28 12.66
N LYS A 24 5.76 29.15 13.93
CA LYS A 24 6.65 28.08 14.36
C LYS A 24 5.95 26.71 14.44
N LEU A 25 4.62 26.70 14.25
CA LEU A 25 3.79 25.51 14.44
C LEU A 25 3.26 24.93 13.11
N LEU A 26 3.60 25.60 12.01
CA LEU A 26 3.23 25.17 10.65
C LEU A 26 3.84 23.81 10.31
N PRO A 27 3.05 22.91 9.65
CA PRO A 27 3.62 21.58 9.37
C PRO A 27 4.97 21.70 8.66
N LYS A 28 5.99 21.04 9.21
CA LYS A 28 7.31 21.00 8.58
C LYS A 28 7.45 19.73 7.72
N ARG A 29 6.42 18.89 7.79
CA ARG A 29 6.33 17.71 6.95
C ARG A 29 4.92 17.49 6.41
N TRP A 30 4.83 16.72 5.34
CA TRP A 30 3.56 16.46 4.67
C TRP A 30 3.70 15.22 3.78
N VAL A 31 2.57 14.67 3.35
CA VAL A 31 2.58 13.52 2.45
C VAL A 31 2.04 14.03 1.13
N ARG A 32 2.87 13.95 0.10
CA ARG A 32 2.44 14.31 -1.24
C ARG A 32 2.19 13.05 -2.05
N ILE A 33 0.94 12.87 -2.50
CA ILE A 33 0.57 11.75 -3.35
C ILE A 33 0.12 12.35 -4.68
N GLY A 34 0.86 12.06 -5.74
CA GLY A 34 0.63 12.68 -7.05
C GLY A 34 0.62 14.21 -6.94
N ASP A 35 -0.48 14.82 -7.38
CA ASP A 35 -0.70 16.27 -7.34
C ASP A 35 -1.58 16.67 -6.16
N VAL A 36 -1.65 15.80 -5.15
CA VAL A 36 -2.52 16.01 -3.99
C VAL A 36 -1.70 15.93 -2.72
N LEU A 37 -2.00 16.83 -1.80
CA LEU A 37 -1.21 16.94 -0.59
C LEU A 37 -2.02 16.48 0.63
N LEU A 38 -1.41 15.67 1.48
CA LEU A 38 -1.98 15.32 2.79
C LEU A 38 -1.24 16.12 3.83
N LEU A 39 -1.90 17.14 4.36
CA LEU A 39 -1.27 18.06 5.30
C LEU A 39 -1.70 17.76 6.75
N PRO A 40 -0.74 17.39 7.64
CA PRO A 40 -1.09 17.45 9.06
C PRO A 40 -1.01 18.88 9.61
N LEU A 41 -1.37 19.06 10.87
CA LEU A 41 -1.36 20.36 11.55
C LEU A 41 -0.05 20.65 12.31
N PRO A 43 -3.93 21.43 15.62
CA PRO A 43 -5.26 21.78 16.13
C PRO A 43 -5.39 23.28 16.42
N GLU A 44 -4.29 23.91 16.83
CA GLU A 44 -4.24 25.36 17.05
C GLU A 44 -4.25 26.14 15.74
N LEU A 45 -3.90 25.45 14.64
CA LEU A 45 -3.90 26.01 13.28
C LEU A 45 -5.27 25.97 12.61
N GLU A 46 -6.23 25.27 13.23
CA GLU A 46 -7.61 25.17 12.73
C GLU A 46 -8.24 26.47 12.16
N PRO A 47 -8.19 27.59 12.92
CA PRO A 47 -8.81 28.85 12.47
C PRO A 47 -8.22 29.41 11.17
N TYR A 48 -7.18 28.74 10.65
CA TYR A 48 -6.46 29.20 9.43
C TYR A 48 -6.20 28.02 8.45
N LYS A 49 -6.81 26.89 8.72
CA LYS A 49 -6.54 25.68 7.90
C LYS A 49 -6.72 25.95 6.39
N HIS A 50 -7.78 26.66 6.01
CA HIS A 50 -8.05 26.88 4.59
C HIS A 50 -7.00 27.85 4.00
N ARG A 51 -6.81 28.98 4.66
CA ARG A 51 -5.73 29.90 4.30
C ARG A 51 -4.40 29.17 4.23
N ILE A 52 -4.09 28.38 5.26
CA ILE A 52 -2.84 27.61 5.30
C ILE A 52 -2.71 26.70 4.08
N ALA A 53 -3.64 25.77 3.90
CA ALA A 53 -3.55 24.79 2.80
C ALA A 53 -3.34 25.50 1.44
N GLU A 54 -3.97 26.66 1.29
CA GLU A 54 -3.92 27.45 0.06
C GLU A 54 -2.51 27.90 -0.32
N VAL A 55 -1.70 28.25 0.68
CA VAL A 55 -0.34 28.69 0.41
C VAL A 55 0.61 27.50 0.18
N TYR A 56 0.39 26.40 0.89
CA TYR A 56 1.18 25.17 0.67
C TYR A 56 0.96 24.71 -0.78
N ALA A 57 -0.27 24.80 -1.25
CA ALA A 57 -0.64 24.44 -2.63
C ALA A 57 -0.03 25.37 -3.69
N GLU A 58 -0.06 26.67 -3.43
CA GLU A 58 0.55 27.68 -4.31
C GLU A 58 2.07 27.44 -4.48
N VAL A 59 2.80 27.34 -3.36
CA VAL A 59 4.25 27.12 -3.41
C VAL A 59 4.66 25.71 -3.89
N LEU A 60 3.95 24.69 -3.43
CA LEU A 60 4.30 23.30 -3.75
C LEU A 60 3.87 22.92 -5.17
N GLY A 61 2.83 23.59 -5.67
CA GLY A 61 2.26 23.33 -6.99
C GLY A 61 1.31 22.13 -7.03
N VAL A 62 0.45 22.01 -6.01
CA VAL A 62 -0.59 20.94 -6.00
C VAL A 62 -1.99 21.48 -6.27
N LYS A 63 -2.90 20.60 -6.69
CA LYS A 63 -4.28 21.03 -6.98
C LYS A 63 -5.21 20.94 -5.77
N THR A 64 -4.87 20.08 -4.82
CA THR A 64 -5.79 19.80 -3.69
C THR A 64 -5.01 19.52 -2.44
N VAL A 65 -5.65 19.77 -1.30
CA VAL A 65 -5.08 19.50 0.02
C VAL A 65 -6.15 18.89 0.92
N LEU A 66 -5.84 17.76 1.53
CA LEU A 66 -6.70 17.08 2.50
C LEU A 66 -6.01 17.04 3.85
N ARG A 67 -6.80 16.82 4.90
CA ARG A 67 -6.27 16.73 6.25
C ARG A 67 -6.22 15.29 6.72
N LYS A 68 -5.10 14.95 7.37
CA LYS A 68 -4.82 13.57 7.75
C LYS A 68 -5.68 13.07 8.91
N GLY A 69 -5.56 13.71 10.08
CA GLY A 69 -6.25 13.32 11.32
C GLY A 69 -6.68 11.86 11.46
N TYR A 80 -10.91 11.41 4.85
CA TYR A 80 -10.04 12.58 4.79
C TYR A 80 -10.87 13.84 4.57
N GLU A 81 -10.42 14.94 5.18
CA GLU A 81 -11.17 16.20 5.17
C GLU A 81 -10.60 17.14 4.10
N LEU A 82 -11.48 17.59 3.20
CA LEU A 82 -11.09 18.55 2.15
C LEU A 82 -10.73 19.90 2.78
N LEU A 83 -9.64 20.51 2.33
CA LEU A 83 -9.17 21.79 2.86
C LEU A 83 -8.97 22.82 1.78
N TYR A 84 -8.50 22.38 0.62
CA TYR A 84 -8.25 23.26 -0.51
C TYR A 84 -8.53 22.46 -1.77
N GLY A 85 -9.21 23.08 -2.73
CA GLY A 85 -9.51 22.45 -4.00
C GLY A 85 -10.64 21.43 -3.91
N SER A 86 -10.84 20.68 -4.97
CA SER A 86 -11.97 19.77 -5.05
C SER A 86 -11.59 18.37 -5.53
N ASP A 87 -10.55 18.28 -6.36
CA ASP A 87 -10.20 17.04 -7.04
C ASP A 87 -9.24 16.15 -6.21
N THR A 88 -9.74 14.98 -5.80
CA THR A 88 -8.97 14.03 -4.98
C THR A 88 -8.39 12.86 -5.81
N VAL A 89 -8.70 12.84 -7.11
CA VAL A 89 -8.15 11.84 -8.02
C VAL A 89 -6.85 12.35 -8.63
N THR A 90 -5.81 11.51 -8.58
CA THR A 90 -4.48 11.86 -9.06
C THR A 90 -3.72 10.58 -9.46
N VAL A 91 -2.58 10.78 -10.14
CA VAL A 91 -1.66 9.70 -10.47
C VAL A 91 -0.34 9.92 -9.75
N HIS A 92 -0.02 9.02 -8.82
CA HIS A 92 1.26 9.05 -8.11
C HIS A 92 2.28 8.23 -8.88
N VAL A 93 3.47 8.80 -9.12
CA VAL A 93 4.55 8.11 -9.86
C VAL A 93 5.66 7.69 -8.89
N GLU A 94 6.02 6.42 -8.88
CA GLU A 94 7.00 5.91 -7.90
C GLU A 94 7.74 4.74 -8.48
N ASN A 95 9.05 4.89 -8.56
CA ASN A 95 9.92 3.90 -9.19
C ASN A 95 9.45 3.58 -10.62
N GLY A 96 9.04 4.61 -11.34
CA GLY A 96 8.60 4.38 -12.71
C GLY A 96 7.19 3.82 -12.83
N ILE A 97 6.47 3.64 -11.70
CA ILE A 97 5.14 3.01 -11.75
C ILE A 97 4.09 4.06 -11.55
N LYS A 98 3.04 4.00 -12.35
CA LYS A 98 1.92 4.89 -12.22
C LYS A 98 0.80 4.27 -11.37
N TYR A 99 0.43 4.98 -10.32
CA TYR A 99 -0.66 4.60 -9.43
C TYR A 99 -1.71 5.68 -9.42
N LYS A 100 -2.78 5.49 -10.21
CA LYS A 100 -3.90 6.41 -10.12
C LYS A 100 -4.79 5.92 -8.96
N LEU A 101 -5.35 6.87 -8.20
CA LEU A 101 -6.25 6.51 -7.10
C LEU A 101 -7.12 7.70 -6.72
N ASP A 102 -8.15 7.45 -5.91
CA ASP A 102 -8.85 8.53 -5.21
C ASP A 102 -8.21 8.66 -3.81
N VAL A 103 -7.42 9.72 -3.64
CA VAL A 103 -6.66 9.96 -2.39
C VAL A 103 -7.60 10.03 -1.16
N ALA A 104 -8.82 10.50 -1.34
CA ALA A 104 -9.73 10.69 -0.20
C ALA A 104 -10.29 9.36 0.26
N LYS A 105 -10.25 8.36 -0.62
CA LYS A 105 -11.04 7.15 -0.42
C LYS A 105 -10.22 5.88 -0.33
N ILE A 106 -9.02 5.89 -0.92
CA ILE A 106 -8.20 4.70 -1.04
C ILE A 106 -6.86 4.91 -0.32
N PHE A 108 -3.05 4.65 0.45
CA PHE A 108 -1.73 4.51 -0.20
C PHE A 108 -0.72 5.29 0.63
N SER A 109 0.37 4.63 1.06
CA SER A 109 1.45 5.30 1.81
C SER A 109 2.72 5.36 0.97
N PRO A 110 3.14 6.58 0.56
CA PRO A 110 4.45 6.78 -0.07
C PRO A 110 5.56 6.25 0.85
N ALA A 111 5.26 6.13 2.15
CA ALA A 111 6.25 5.64 3.13
C ALA A 111 6.60 4.15 2.97
N ASN A 112 5.71 3.38 2.37
CA ASN A 112 5.94 1.96 2.13
C ASN A 112 6.63 1.71 0.78
N VAL A 113 7.32 2.73 0.25
CA VAL A 113 8.07 2.64 -1.02
C VAL A 113 9.06 1.47 -1.06
N LYS A 114 9.74 1.18 0.06
CA LYS A 114 10.75 0.14 0.06
C LYS A 114 10.18 -1.23 -0.31
N GLU A 115 8.99 -1.52 0.17
CA GLU A 115 8.41 -2.80 -0.11
C GLU A 115 7.96 -2.89 -1.60
N ARG A 116 7.50 -1.79 -2.20
CA ARG A 116 7.12 -1.82 -3.63
C ARG A 116 8.34 -1.87 -4.59
N VAL A 117 9.47 -1.31 -4.15
CA VAL A 117 10.74 -1.44 -4.85
C VAL A 117 11.18 -2.91 -4.73
N ARG A 118 11.03 -3.50 -3.56
CA ARG A 118 11.41 -4.91 -3.34
C ARG A 118 10.61 -5.81 -4.29
N ALA A 120 9.46 -5.12 -7.13
CA ALA A 120 10.03 -4.93 -8.46
C ALA A 120 11.15 -5.93 -8.77
N LYS A 121 11.88 -6.36 -7.74
CA LYS A 121 13.07 -7.23 -7.90
C LYS A 121 12.86 -8.72 -7.62
N VAL A 122 11.68 -9.15 -7.17
CA VAL A 122 11.52 -10.55 -6.72
C VAL A 122 11.19 -11.63 -7.74
N ALA A 123 10.35 -11.31 -8.71
CA ALA A 123 9.75 -12.36 -9.53
C ALA A 123 10.55 -12.69 -10.78
N LYS A 124 10.43 -13.93 -11.26
CA LYS A 124 10.97 -14.30 -12.58
C LYS A 124 9.86 -14.22 -13.66
N PRO A 125 10.23 -14.02 -14.95
CA PRO A 125 9.18 -13.73 -15.94
C PRO A 125 8.22 -14.90 -16.25
N ASP A 126 8.65 -16.14 -16.01
CA ASP A 126 7.78 -17.32 -16.22
C ASP A 126 6.85 -17.65 -15.03
N GLU A 127 6.89 -16.83 -13.98
CA GLU A 127 6.02 -17.06 -12.81
C GLU A 127 4.58 -16.67 -13.08
N LEU A 128 3.65 -17.38 -12.43
CA LEU A 128 2.28 -16.88 -12.29
C LEU A 128 2.09 -16.36 -10.86
N VAL A 129 1.84 -15.06 -10.74
CA VAL A 129 1.67 -14.43 -9.44
C VAL A 129 0.17 -14.13 -9.19
N VAL A 130 -0.31 -14.46 -7.98
CA VAL A 130 -1.71 -14.13 -7.59
C VAL A 130 -1.67 -13.13 -6.44
N ASP A 131 -2.29 -11.97 -6.67
CA ASP A 131 -2.35 -10.95 -5.64
C ASP A 131 -3.78 -11.03 -5.10
N PHE A 133 -5.13 -9.42 -2.51
CA PHE A 133 -5.70 -8.18 -1.99
C PHE A 133 -5.08 -7.06 -2.82
N ALA A 134 -5.46 -6.97 -4.09
CA ALA A 134 -4.70 -6.12 -5.06
C ALA A 134 -4.76 -4.61 -4.80
N GLY A 135 -5.85 -4.14 -4.18
CA GLY A 135 -6.03 -2.68 -4.08
C GLY A 135 -6.04 -2.04 -5.47
N ILE A 136 -5.26 -0.97 -5.64
CA ILE A 136 -5.11 -0.36 -6.96
C ILE A 136 -3.92 -0.95 -7.74
N GLY A 137 -3.30 -2.01 -7.23
CA GLY A 137 -2.13 -2.66 -7.85
C GLY A 137 -0.82 -2.38 -7.09
N HIS A 138 -0.95 -1.88 -5.87
CA HIS A 138 0.19 -1.50 -4.99
C HIS A 138 1.40 -2.43 -5.14
N LEU A 139 1.19 -3.73 -4.89
CA LEU A 139 2.30 -4.71 -4.83
C LEU A 139 2.47 -5.48 -6.11
N SER A 140 1.40 -5.57 -6.93
CA SER A 140 1.45 -6.38 -8.15
C SER A 140 1.87 -5.60 -9.42
N LEU A 141 1.63 -4.29 -9.48
CA LEU A 141 2.12 -3.54 -10.63
C LEU A 141 3.67 -3.59 -10.83
N PRO A 142 4.47 -3.45 -9.74
CA PRO A 142 5.96 -3.59 -9.90
C PRO A 142 6.41 -4.97 -10.40
N ILE A 143 5.70 -6.00 -9.98
CA ILE A 143 5.91 -7.35 -10.48
C ILE A 143 5.60 -7.44 -11.97
N ALA A 144 4.43 -6.95 -12.39
CA ALA A 144 4.09 -7.04 -13.82
C ALA A 144 5.08 -6.21 -14.69
N VAL A 145 5.41 -5.01 -14.24
CA VAL A 145 6.28 -4.10 -15.00
C VAL A 145 7.75 -4.48 -15.04
N TYR A 146 8.35 -4.73 -13.88
CA TYR A 146 9.78 -5.01 -13.82
C TYR A 146 10.10 -6.51 -13.94
N GLY A 147 9.35 -7.32 -13.19
CA GLY A 147 9.59 -8.77 -13.17
C GLY A 147 9.06 -9.45 -14.42
N LYS A 148 8.16 -8.80 -15.14
CA LYS A 148 7.56 -9.34 -16.37
C LYS A 148 6.68 -10.61 -16.20
N ALA A 149 6.33 -10.95 -14.96
CA ALA A 149 5.60 -12.21 -14.73
C ALA A 149 4.14 -12.09 -15.21
N LYS A 150 3.45 -13.22 -15.33
CA LYS A 150 2.00 -13.14 -15.46
C LYS A 150 1.40 -12.92 -14.06
N VAL A 151 0.36 -12.09 -13.95
CA VAL A 151 -0.24 -11.72 -12.66
C VAL A 151 -1.77 -11.81 -12.71
N ILE A 152 -2.37 -12.39 -11.67
CA ILE A 152 -3.80 -12.29 -11.47
C ILE A 152 -4.08 -11.49 -10.21
N ALA A 153 -4.80 -10.38 -10.38
CA ALA A 153 -5.03 -9.45 -9.27
C ALA A 153 -6.52 -9.47 -8.88
N ILE A 154 -6.79 -9.76 -7.61
CA ILE A 154 -8.15 -9.84 -7.09
C ILE A 154 -8.39 -8.67 -6.13
N GLU A 155 -9.42 -7.88 -6.42
CA GLU A 155 -9.81 -6.77 -5.55
C GLU A 155 -11.33 -6.74 -5.39
N LYS A 156 -11.74 -6.84 -4.13
CA LYS A 156 -13.16 -6.98 -3.74
C LYS A 156 -13.97 -5.68 -3.91
N ASP A 157 -13.36 -4.54 -3.58
CA ASP A 157 -14.09 -3.26 -3.63
C ASP A 157 -14.26 -2.70 -5.06
N PRO A 158 -15.53 -2.52 -5.53
CA PRO A 158 -15.81 -2.00 -6.90
C PRO A 158 -15.08 -0.68 -7.24
N TYR A 159 -15.09 0.31 -6.34
CA TYR A 159 -14.49 1.61 -6.66
C TYR A 159 -12.97 1.49 -6.81
N THR A 160 -12.35 0.76 -5.89
CA THR A 160 -10.90 0.47 -5.90
C THR A 160 -10.50 -0.32 -7.14
N PHE A 161 -11.31 -1.31 -7.48
CA PHE A 161 -11.15 -2.10 -8.71
C PHE A 161 -11.05 -1.25 -9.98
N LYS A 162 -11.84 -0.18 -10.10
CA LYS A 162 -11.78 0.70 -11.29
C LYS A 162 -10.38 1.29 -11.47
N PHE A 163 -9.77 1.79 -10.39
CA PHE A 163 -8.37 2.21 -10.42
C PHE A 163 -7.36 1.10 -10.73
N LEU A 164 -7.50 -0.06 -10.09
CA LEU A 164 -6.71 -1.24 -10.46
C LEU A 164 -6.72 -1.45 -11.98
N VAL A 165 -7.92 -1.52 -12.55
CA VAL A 165 -8.07 -1.68 -14.01
C VAL A 165 -7.37 -0.57 -14.81
N GLU A 166 -7.63 0.71 -14.47
CA GLU A 166 -6.96 1.85 -15.08
C GLU A 166 -5.42 1.77 -14.95
N ASN A 167 -4.92 1.33 -13.79
CA ASN A 167 -3.47 1.22 -13.60
C ASN A 167 -2.80 0.13 -14.43
N ILE A 168 -3.51 -0.95 -14.70
CA ILE A 168 -3.04 -2.00 -15.59
C ILE A 168 -2.79 -1.42 -17.00
N HIS A 169 -3.75 -0.62 -17.48
CA HIS A 169 -3.58 0.10 -18.75
C HIS A 169 -2.53 1.20 -18.74
N LEU A 170 -2.46 2.00 -17.66
CA LEU A 170 -1.48 3.10 -17.59
C LEU A 170 -0.04 2.61 -17.60
N ASN A 171 0.16 1.39 -17.09
CA ASN A 171 1.50 0.81 -16.92
C ASN A 171 1.86 -0.16 -18.04
N LYS A 172 0.93 -0.31 -18.99
CA LYS A 172 1.16 -1.06 -20.22
C LYS A 172 1.39 -2.55 -19.97
N VAL A 173 0.60 -3.11 -19.06
CA VAL A 173 0.78 -4.52 -18.69
C VAL A 173 -0.47 -5.34 -18.87
N GLU A 174 -1.41 -4.79 -19.63
CA GLU A 174 -2.66 -5.49 -19.96
C GLU A 174 -2.43 -6.84 -20.65
N ASP A 175 -1.24 -7.04 -21.24
CA ASP A 175 -0.91 -8.33 -21.86
C ASP A 175 -0.57 -9.42 -20.86
N ARG A 176 -0.13 -9.05 -19.66
CA ARG A 176 0.26 -10.07 -18.69
C ARG A 176 -0.48 -10.04 -17.34
N SER A 178 -4.16 -9.69 -15.25
CA SER A 178 -5.62 -9.81 -15.27
C SER A 178 -6.14 -9.39 -13.91
N ALA A 179 -7.26 -8.67 -13.92
CA ALA A 179 -7.89 -8.24 -12.69
C ALA A 179 -9.32 -8.77 -12.59
N TYR A 180 -9.73 -9.19 -11.39
CA TYR A 180 -11.08 -9.66 -11.15
C TYR A 180 -11.61 -8.93 -9.95
N ASN A 181 -12.86 -8.50 -10.07
CA ASN A 181 -13.58 -7.84 -8.99
C ASN A 181 -14.45 -8.86 -8.23
N ASP A 183 -14.58 -11.26 -4.11
CA ASP A 183 -13.97 -11.71 -2.87
C ASP A 183 -12.89 -12.78 -3.18
N ASN A 184 -11.71 -12.72 -2.55
CA ASN A 184 -10.65 -13.69 -2.88
C ASN A 184 -10.99 -15.14 -2.56
N ARG A 185 -11.97 -15.35 -1.69
CA ARG A 185 -12.41 -16.72 -1.40
C ARG A 185 -13.26 -17.36 -2.50
N ASP A 186 -13.84 -16.55 -3.37
CA ASP A 186 -14.62 -17.08 -4.50
C ASP A 186 -13.72 -17.27 -5.71
N PHE A 187 -12.49 -16.78 -5.65
CA PHE A 187 -11.53 -17.06 -6.74
C PHE A 187 -11.36 -18.57 -6.87
N PRO A 188 -11.65 -19.15 -8.06
CA PRO A 188 -11.64 -20.61 -8.13
C PRO A 188 -10.30 -21.24 -8.50
N GLY A 189 -9.26 -20.44 -8.74
CA GLY A 189 -7.95 -20.99 -9.08
C GLY A 189 -7.36 -21.84 -7.94
N GLU A 190 -6.86 -23.02 -8.32
CA GLU A 190 -6.35 -23.98 -7.39
C GLU A 190 -5.01 -24.53 -7.88
N ASN A 191 -3.98 -24.50 -7.03
CA ASN A 191 -2.73 -25.19 -7.39
C ASN A 191 -2.09 -24.54 -8.63
N ILE A 192 -2.11 -23.22 -8.69
CA ILE A 192 -1.63 -22.54 -9.89
C ILE A 192 -0.56 -21.48 -9.64
N ALA A 193 -0.45 -20.95 -8.42
CA ALA A 193 0.43 -19.80 -8.22
C ALA A 193 1.84 -20.20 -7.86
N ASP A 194 2.83 -19.61 -8.56
CA ASP A 194 4.24 -19.71 -8.14
C ASP A 194 4.52 -18.73 -7.00
N ARG A 195 3.71 -17.67 -6.93
CA ARG A 195 3.96 -16.62 -5.96
C ARG A 195 2.62 -16.03 -5.56
N ILE A 196 2.41 -15.81 -4.26
CA ILE A 196 1.19 -15.16 -3.79
C ILE A 196 1.47 -13.92 -2.96
N LEU A 197 0.69 -12.87 -3.19
CA LEU A 197 0.85 -11.61 -2.44
C LEU A 197 -0.33 -11.52 -1.50
N GLY A 199 -1.04 -8.89 0.80
CA GLY A 199 -0.73 -7.58 1.32
C GLY A 199 -1.86 -6.95 2.11
N TYR A 200 -2.46 -7.70 3.03
CA TYR A 200 -3.56 -7.22 3.85
C TYR A 200 -3.02 -7.25 5.30
N VAL A 201 -3.46 -6.34 6.16
CA VAL A 201 -2.89 -6.26 7.51
C VAL A 201 -3.88 -6.58 8.64
N VAL A 202 -5.10 -6.97 8.28
CA VAL A 202 -6.12 -7.18 9.28
C VAL A 202 -6.34 -8.68 9.44
N ARG A 203 -5.79 -9.24 10.51
CA ARG A 203 -5.96 -10.67 10.84
C ARG A 203 -5.79 -11.53 9.58
N THR A 204 -4.65 -11.33 8.91
CA THR A 204 -4.34 -11.93 7.60
C THR A 204 -4.28 -13.48 7.62
N HIS A 205 -3.98 -14.03 8.78
CA HIS A 205 -4.04 -15.47 9.05
C HIS A 205 -5.36 -16.16 8.63
N GLU A 206 -6.47 -15.42 8.66
CA GLU A 206 -7.78 -15.96 8.30
C GLU A 206 -7.84 -16.37 6.81
N PHE A 207 -6.91 -15.86 6.03
CA PHE A 207 -6.90 -16.15 4.60
C PHE A 207 -5.87 -17.18 4.18
N ILE A 208 -5.08 -17.67 5.14
CA ILE A 208 -4.08 -18.70 4.87
C ILE A 208 -4.65 -19.95 4.16
N PRO A 209 -5.78 -20.53 4.66
CA PRO A 209 -6.26 -21.73 3.96
C PRO A 209 -6.51 -21.50 2.46
N LYS A 210 -7.08 -20.37 2.09
CA LYS A 210 -7.30 -20.03 0.67
C LYS A 210 -5.95 -19.87 -0.09
N ALA A 211 -4.99 -19.17 0.53
CA ALA A 211 -3.65 -19.05 -0.06
C ALA A 211 -3.01 -20.40 -0.39
N LEU A 212 -3.06 -21.32 0.57
CA LEU A 212 -2.51 -22.67 0.39
C LEU A 212 -3.17 -23.43 -0.78
N SER A 213 -4.47 -23.23 -0.96
CA SER A 213 -5.21 -23.88 -2.06
C SER A 213 -4.79 -23.29 -3.42
N ILE A 214 -4.66 -21.95 -3.50
CA ILE A 214 -4.21 -21.28 -4.72
C ILE A 214 -2.75 -21.66 -5.10
N ALA A 215 -1.90 -21.80 -4.08
CA ALA A 215 -0.46 -22.02 -4.27
C ALA A 215 -0.14 -23.34 -4.95
N LYS A 216 0.90 -23.35 -5.77
CA LYS A 216 1.53 -24.61 -6.19
C LYS A 216 2.43 -25.10 -5.06
N ASP A 217 2.75 -26.39 -5.05
CA ASP A 217 3.84 -26.89 -4.22
C ASP A 217 5.16 -26.11 -4.50
N GLY A 218 5.79 -25.60 -3.43
CA GLY A 218 7.03 -24.82 -3.56
C GLY A 218 6.81 -23.31 -3.72
N ALA A 219 5.55 -22.87 -3.64
CA ALA A 219 5.23 -21.46 -3.94
C ALA A 219 5.73 -20.56 -2.84
N ILE A 220 6.05 -19.32 -3.22
CA ILE A 220 6.43 -18.29 -2.29
C ILE A 220 5.23 -17.41 -2.02
N ILE A 221 5.02 -17.12 -0.74
CA ILE A 221 3.92 -16.29 -0.28
C ILE A 221 4.54 -15.11 0.47
N HIS A 222 4.08 -13.91 0.14
CA HIS A 222 4.52 -12.70 0.82
C HIS A 222 3.38 -12.32 1.72
N TYR A 223 3.55 -12.67 2.98
CA TYR A 223 2.50 -12.60 3.99
C TYR A 223 2.68 -11.37 4.84
N HIS A 224 1.78 -10.40 4.69
CA HIS A 224 1.80 -9.20 5.54
C HIS A 224 0.94 -9.48 6.76
N ASN A 225 1.23 -8.83 7.90
CA ASN A 225 0.31 -8.82 9.03
C ASN A 225 0.73 -7.75 10.01
N THR A 226 -0.16 -7.47 10.97
CA THR A 226 0.06 -6.53 12.05
C THR A 226 0.30 -7.35 13.28
N VAL A 227 1.41 -7.10 13.98
CA VAL A 227 1.75 -7.91 15.16
C VAL A 227 2.14 -7.06 16.37
N PRO A 228 1.58 -7.39 17.54
CA PRO A 228 2.03 -6.69 18.74
C PRO A 228 3.52 -6.97 19.00
N GLU A 229 4.29 -5.93 19.30
CA GLU A 229 5.71 -6.04 19.66
C GLU A 229 6.06 -7.18 20.62
N LYS A 230 5.31 -7.26 21.72
CA LYS A 230 5.55 -8.27 22.78
C LYS A 230 5.54 -9.72 22.28
N LEU A 231 4.82 -9.99 21.19
CA LEU A 231 4.73 -11.34 20.65
C LEU A 231 5.86 -11.68 19.66
N PRO A 233 9.86 -12.09 18.27
CA PRO A 233 9.79 -12.51 16.86
C PRO A 233 9.02 -13.82 16.65
N ARG A 234 8.40 -14.37 17.69
CA ARG A 234 7.71 -15.65 17.59
C ARG A 234 6.52 -15.56 16.59
N GLU A 235 5.69 -14.55 16.78
CA GLU A 235 4.62 -14.25 15.88
C GLU A 235 5.14 -13.19 14.89
N PRO A 236 4.56 -13.16 13.65
CA PRO A 236 3.41 -14.01 13.25
C PRO A 236 3.77 -15.33 12.56
N PHE A 237 5.05 -15.69 12.48
CA PHE A 237 5.38 -17.00 11.91
C PHE A 237 4.75 -18.20 12.67
N GLU A 238 4.74 -18.17 13.99
CA GLU A 238 4.19 -19.32 14.74
C GLU A 238 2.75 -19.63 14.39
N THR A 239 1.90 -18.61 14.31
CA THR A 239 0.51 -18.82 13.89
C THR A 239 0.44 -19.32 12.42
N PHE A 240 1.22 -18.72 11.53
CA PHE A 240 1.19 -19.14 10.13
C PHE A 240 1.54 -20.64 9.97
N LYS A 241 2.59 -21.06 10.67
CA LYS A 241 3.10 -22.41 10.66
C LYS A 241 2.04 -23.39 11.20
N ARG A 242 1.44 -23.06 12.34
CA ARG A 242 0.43 -23.95 12.98
C ARG A 242 -0.80 -24.12 12.08
N ILE A 243 -1.24 -23.03 11.43
CA ILE A 243 -2.42 -23.13 10.54
C ILE A 243 -2.09 -23.99 9.33
N THR A 244 -0.91 -23.75 8.76
CA THR A 244 -0.39 -24.48 7.60
C THR A 244 -0.34 -25.98 7.87
N LYS A 245 0.25 -26.37 9.01
CA LYS A 245 0.33 -27.79 9.36
C LYS A 245 -1.06 -28.41 9.56
N GLU A 246 -1.98 -27.64 10.14
CA GLU A 246 -3.36 -28.13 10.36
C GLU A 246 -4.04 -28.52 9.07
N TYR A 247 -3.75 -27.77 8.00
CA TYR A 247 -4.34 -28.01 6.69
C TYR A 247 -3.52 -29.02 5.85
N GLY A 248 -2.53 -29.64 6.49
CA GLY A 248 -1.71 -30.67 5.85
C GLY A 248 -0.60 -30.13 4.94
N TYR A 249 -0.12 -28.92 5.23
CA TYR A 249 1.02 -28.33 4.51
C TYR A 249 2.23 -28.12 5.42
N ASP A 250 3.42 -27.99 4.84
CA ASP A 250 4.59 -27.45 5.55
C ASP A 250 5.05 -26.08 5.02
N VAL A 251 5.83 -25.38 5.85
CA VAL A 251 6.27 -24.05 5.48
C VAL A 251 7.68 -23.75 5.96
N GLU A 252 8.47 -23.13 5.06
CA GLU A 252 9.82 -22.64 5.34
C GLU A 252 9.87 -21.09 5.23
N LYS A 253 10.44 -20.46 6.24
CA LYS A 253 10.52 -18.99 6.27
C LYS A 253 11.84 -18.54 5.64
N LEU A 254 11.76 -17.72 4.61
CA LEU A 254 12.96 -17.25 3.90
C LEU A 254 13.44 -15.90 4.42
N ASN A 255 12.50 -15.04 4.79
CA ASN A 255 12.85 -13.66 5.14
C ASN A 255 11.77 -13.08 6.00
N GLU A 256 12.14 -12.10 6.81
CA GLU A 256 11.15 -11.29 7.50
C GLU A 256 11.64 -9.86 7.57
N LEU A 257 10.76 -8.92 7.23
CA LEU A 257 11.09 -7.51 7.31
C LEU A 257 9.99 -6.77 8.06
N LYS A 258 10.39 -5.78 8.84
CA LYS A 258 9.47 -4.85 9.46
C LYS A 258 9.21 -3.74 8.44
N ILE A 259 7.95 -3.34 8.28
CA ILE A 259 7.65 -2.24 7.38
C ILE A 259 7.37 -0.93 8.12
N LYS A 260 6.51 -0.95 9.16
CA LYS A 260 6.24 0.24 9.99
C LYS A 260 5.62 -0.07 11.35
N ARG A 261 5.98 0.75 12.36
CA ARG A 261 5.48 0.62 13.73
C ARG A 261 4.39 1.64 14.03
N TYR A 262 3.35 1.20 14.74
CA TYR A 262 2.20 2.04 15.09
C TYR A 262 1.94 2.01 16.59
N ALA A 263 1.53 3.15 17.13
CA ALA A 263 0.97 3.22 18.47
C ALA A 263 -0.12 2.16 18.64
N PRO A 264 -0.16 1.49 19.81
CA PRO A 264 0.78 1.69 20.92
C PRO A 264 2.16 1.07 20.63
N GLY A 265 2.17 -0.16 20.10
CA GLY A 265 3.41 -0.89 19.81
C GLY A 265 3.16 -2.11 18.94
N VAL A 266 2.65 -1.87 17.73
CA VAL A 266 2.30 -2.95 16.83
C VAL A 266 3.05 -2.71 15.52
N TRP A 267 3.47 -3.80 14.89
CA TRP A 267 4.29 -3.69 13.69
C TRP A 267 3.60 -4.26 12.45
N HIS A 268 3.65 -3.51 11.36
CA HIS A 268 3.29 -4.04 10.06
C HIS A 268 4.57 -4.71 9.59
N VAL A 269 4.51 -6.03 9.39
CA VAL A 269 5.66 -6.83 8.93
C VAL A 269 5.30 -7.60 7.67
N VAL A 270 6.31 -7.96 6.87
CA VAL A 270 6.10 -8.88 5.75
C VAL A 270 7.04 -10.06 5.97
N LEU A 271 6.55 -11.26 5.72
CA LEU A 271 7.33 -12.52 5.80
C LEU A 271 7.29 -13.15 4.43
N ASP A 272 8.45 -13.58 3.95
CA ASP A 272 8.55 -14.37 2.71
C ASP A 272 8.63 -15.83 3.05
N LEU A 273 7.63 -16.59 2.64
CA LEU A 273 7.46 -17.97 3.10
C LEU A 273 7.35 -18.93 1.93
N ARG A 274 7.90 -20.12 2.08
CA ARG A 274 7.75 -21.11 1.04
C ARG A 274 6.94 -22.29 1.57
N VAL A 275 5.89 -22.67 0.83
CA VAL A 275 4.96 -23.70 1.27
C VAL A 275 5.08 -24.98 0.45
N PHE A 276 4.81 -26.11 1.11
CA PHE A 276 4.96 -27.45 0.53
C PHE A 276 3.81 -28.34 0.99
N LYS A 277 3.28 -29.19 0.12
CA LYS A 277 2.26 -30.17 0.52
C LYS A 277 2.71 -31.31 1.48
N SER A 278 1.79 -32.26 1.72
CA SER A 278 2.02 -33.53 2.49
C SER A 278 2.43 -33.37 3.95
#